data_4BL1
#
_entry.id   4BL1
#
_cell.length_a   60.020
_cell.length_b   63.810
_cell.length_c   92.050
_cell.angle_alpha   90.00
_cell.angle_beta   90.00
_cell.angle_gamma   90.00
#
_symmetry.space_group_name_H-M   'P 21 21 21'
#
loop_
_entity.id
_entity.type
_entity.pdbx_description
1 polymer 'MATERNAL EMBRYONIC LEUCINE ZIPPER KINASE'
2 non-polymer 'PHOSPHOAMINOPHOSPHONIC ACID-ADENYLATE ESTER'
3 water water
#
_entity_poly.entity_id   1
_entity_poly.type   'polypeptide(L)'
_entity_poly.pdbx_seq_one_letter_code
;GPKDYDELLKYYELHETIGTGGFAKVKLACHILTGEMVAIKIMDKNTLGSDLPRIKTEIEALKNLRHQHICQLYHVLETA
NKIFMVLEYCPGGELFDYIISQDRLSEEETRVVFRQIVSAVAYVHSQGYAHRDLKPENLLFDEYHKLKLIDFGLCAKPKG
NKDYHLQTCCGSLAYAAPELIQGKSYLGSEADVWSMGILLYVLMCGFLPFDDDNVMALYKKIMRGKYDVPKWLSPSSILL
LQQMLQVDPKKRISMKNLLNHPWIMQDYNYPVEWQSKNPFIHLDDDCVTELSVHHRNNRQTMEDLISLWQYDHLTATYLL
LLAKKARGKPVRLRLSSFSCGHHHHHH
;
_entity_poly.pdbx_strand_id   A
#
loop_
_chem_comp.id
_chem_comp.type
_chem_comp.name
_chem_comp.formula
ANP non-polymer 'PHOSPHOAMINOPHOSPHONIC ACID-ADENYLATE ESTER' 'C10 H17 N6 O12 P3'
#
# COMPACT_ATOMS: atom_id res chain seq x y z
N LYS A 3 12.70 22.74 -14.92
CA LYS A 3 14.12 22.24 -15.26
C LYS A 3 14.27 20.68 -15.23
N ASP A 4 14.04 20.10 -14.04
CA ASP A 4 13.92 18.64 -13.84
C ASP A 4 12.49 18.22 -14.20
N TYR A 5 11.59 19.17 -13.98
CA TYR A 5 10.22 19.12 -14.36
C TYR A 5 9.91 19.18 -15.87
N ASP A 6 10.93 19.49 -16.69
CA ASP A 6 10.71 19.65 -18.18
C ASP A 6 10.21 18.31 -18.67
N GLU A 7 10.89 17.23 -18.27
CA GLU A 7 10.51 15.88 -18.66
C GLU A 7 9.04 15.40 -18.34
N LEU A 8 8.51 15.77 -17.17
CA LEU A 8 7.34 15.14 -16.63
C LEU A 8 6.19 15.86 -17.16
N LEU A 9 6.40 17.18 -17.19
CA LEU A 9 5.49 18.07 -17.80
C LEU A 9 5.21 17.65 -19.32
N LYS A 10 5.99 16.73 -19.93
CA LYS A 10 5.62 16.23 -21.22
C LYS A 10 4.38 15.40 -21.13
N TYR A 11 4.24 14.62 -20.07
CA TYR A 11 3.27 13.53 -20.02
C TYR A 11 2.15 13.86 -19.04
N TYR A 12 2.41 14.76 -18.08
CA TYR A 12 1.40 15.00 -17.02
C TYR A 12 1.17 16.47 -16.82
N GLU A 13 -0.06 16.78 -16.49
CA GLU A 13 -0.43 18.09 -15.89
C GLU A 13 -0.44 18.04 -14.35
N LEU A 14 0.38 18.93 -13.74
CA LEU A 14 0.57 18.91 -12.30
C LEU A 14 -0.47 19.73 -11.54
N HIS A 15 -0.93 19.18 -10.41
CA HIS A 15 -1.81 19.87 -9.54
C HIS A 15 -1.23 20.07 -8.18
N GLU A 16 -2.11 20.12 -7.20
CA GLU A 16 -1.70 20.52 -5.85
C GLU A 16 -1.01 19.33 -5.14
N THR A 17 0.01 19.59 -4.29
CA THR A 17 0.53 18.66 -3.29
C THR A 17 -0.74 18.12 -2.51
N ILE A 18 -0.80 16.82 -2.27
CA ILE A 18 -1.88 16.11 -1.61
C ILE A 18 -1.26 15.29 -0.44
N GLY A 19 0.04 15.45 -0.22
CA GLY A 19 0.81 14.63 0.71
C GLY A 19 2.27 15.12 0.84
N THR A 20 2.79 15.08 2.05
CA THR A 20 4.27 15.20 2.33
C THR A 20 4.82 14.13 3.31
N GLY A 21 5.81 13.37 2.90
CA GLY A 21 6.39 12.49 3.89
C GLY A 21 7.74 13.04 4.28
N GLY A 22 8.61 12.14 4.70
CA GLY A 22 9.91 12.54 5.15
C GLY A 22 10.78 12.44 3.97
N PHE A 23 10.34 11.67 2.97
CA PHE A 23 11.21 11.44 1.82
C PHE A 23 10.71 11.98 0.50
N ALA A 24 9.45 12.40 0.40
CA ALA A 24 8.87 12.65 -0.89
C ALA A 24 7.74 13.70 -0.77
N LYS A 25 7.54 14.51 -1.80
CA LYS A 25 6.30 15.36 -1.88
C LYS A 25 5.46 14.66 -2.96
N VAL A 26 4.16 14.63 -2.77
CA VAL A 26 3.30 13.83 -3.59
C VAL A 26 2.18 14.76 -4.16
N LYS A 27 2.10 14.85 -5.50
CA LYS A 27 1.22 15.76 -6.23
C LYS A 27 0.12 15.00 -7.02
N LEU A 28 -1.12 15.48 -6.89
CA LEU A 28 -2.14 15.12 -7.91
C LEU A 28 -1.75 15.63 -9.34
N ALA A 29 -1.86 14.72 -10.30
CA ALA A 29 -1.46 15.07 -11.63
C ALA A 29 -2.53 14.37 -12.54
N CYS A 30 -2.60 14.71 -13.85
CA CYS A 30 -3.46 13.99 -14.83
C CYS A 30 -2.54 13.52 -15.98
N HIS A 31 -2.67 12.25 -16.31
CA HIS A 31 -1.92 11.74 -17.45
C HIS A 31 -2.55 12.25 -18.74
N ILE A 32 -1.90 13.23 -19.36
CA ILE A 32 -2.41 13.81 -20.63
C ILE A 32 -2.99 12.82 -21.66
N LEU A 33 -2.16 11.90 -22.18
CA LEU A 33 -2.72 10.96 -23.17
C LEU A 33 -4.06 10.27 -22.83
N THR A 34 -4.20 9.66 -21.63
CA THR A 34 -5.43 8.90 -21.21
C THR A 34 -6.40 9.68 -20.34
N GLY A 35 -6.05 10.89 -19.90
CA GLY A 35 -6.95 11.69 -19.01
C GLY A 35 -7.13 11.21 -17.55
N GLU A 36 -6.59 10.03 -17.21
CA GLU A 36 -6.69 9.42 -15.90
C GLU A 36 -5.98 10.23 -14.81
N MET A 37 -6.57 10.43 -13.61
CA MET A 37 -5.84 11.07 -12.48
C MET A 37 -4.74 10.08 -11.89
N VAL A 38 -3.59 10.57 -11.44
CA VAL A 38 -2.51 9.70 -10.93
C VAL A 38 -1.87 10.47 -9.76
N ALA A 39 -0.93 9.85 -9.05
CA ALA A 39 -0.34 10.60 -7.89
C ALA A 39 1.09 10.34 -8.14
N ILE A 40 1.84 11.39 -7.98
CA ILE A 40 3.21 11.31 -8.32
C ILE A 40 3.98 11.68 -7.13
N LYS A 41 5.00 10.87 -6.85
CA LYS A 41 5.84 10.96 -5.70
C LYS A 41 7.19 11.45 -6.19
N ILE A 42 7.56 12.61 -5.67
CA ILE A 42 8.72 13.37 -6.18
C ILE A 42 9.81 13.39 -5.10
N MET A 43 11.01 12.94 -5.46
CA MET A 43 12.12 12.86 -4.57
C MET A 43 13.31 13.64 -5.12
N ASP A 44 13.86 14.54 -4.29
CA ASP A 44 15.20 15.12 -4.42
C ASP A 44 16.32 14.11 -4.17
N LYS A 45 17.02 13.69 -5.22
CA LYS A 45 18.18 12.83 -5.13
C LYS A 45 19.26 13.44 -4.26
N ASN A 46 19.43 14.75 -4.27
CA ASN A 46 20.47 15.38 -3.44
C ASN A 46 20.21 15.29 -1.96
N THR A 47 19.09 15.81 -1.54
CA THR A 47 18.86 15.95 -0.11
C THR A 47 18.26 14.66 0.50
N LEU A 48 19.06 13.62 0.76
CA LEU A 48 18.62 12.37 1.50
C LEU A 48 19.64 11.21 1.54
N LEU A 52 17.49 7.02 1.42
CA LEU A 52 18.72 7.26 0.70
C LEU A 52 18.69 6.58 -0.71
N PRO A 53 18.83 5.23 -0.82
CA PRO A 53 18.35 4.35 -1.96
C PRO A 53 17.23 3.40 -1.38
N ARG A 54 16.60 3.97 -0.39
CA ARG A 54 15.23 3.67 -0.03
C ARG A 54 14.32 3.67 -1.27
N ILE A 55 14.70 4.42 -2.28
CA ILE A 55 13.91 4.57 -3.49
C ILE A 55 14.08 3.34 -4.39
N LYS A 56 15.32 2.88 -4.55
CA LYS A 56 15.61 1.74 -5.36
C LYS A 56 14.76 0.62 -4.81
N THR A 57 14.58 0.57 -3.48
CA THR A 57 13.84 -0.52 -2.80
C THR A 57 12.34 -0.55 -3.09
N GLU A 58 11.73 0.60 -2.88
CA GLU A 58 10.34 0.85 -3.19
C GLU A 58 9.99 0.50 -4.61
N ILE A 59 10.86 0.90 -5.57
CA ILE A 59 10.57 0.66 -7.01
C ILE A 59 10.83 -0.79 -7.33
N GLU A 60 11.94 -1.39 -6.87
CA GLU A 60 12.18 -2.85 -7.04
C GLU A 60 10.99 -3.67 -6.50
N ALA A 61 10.50 -3.24 -5.34
CA ALA A 61 9.37 -3.88 -4.69
C ALA A 61 8.14 -3.77 -5.53
N LEU A 62 7.73 -2.54 -5.85
CA LEU A 62 6.44 -2.37 -6.54
C LEU A 62 6.31 -2.98 -7.96
N LYS A 63 7.46 -3.05 -8.69
CA LYS A 63 7.51 -3.67 -10.03
C LYS A 63 7.22 -5.19 -9.83
N ASN A 64 7.48 -5.73 -8.63
CA ASN A 64 7.19 -7.15 -8.27
C ASN A 64 5.91 -7.40 -7.51
N LEU A 65 5.09 -6.37 -7.26
CA LEU A 65 3.92 -6.66 -6.45
C LEU A 65 2.67 -6.12 -7.15
N ARG A 66 1.79 -7.04 -7.52
CA ARG A 66 0.74 -6.68 -8.37
C ARG A 66 -0.53 -7.37 -7.72
N HIS A 67 -1.41 -6.54 -7.15
CA HIS A 67 -2.42 -6.99 -6.16
C HIS A 67 -3.48 -5.96 -6.04
N GLN A 68 -4.73 -6.38 -5.95
CA GLN A 68 -5.92 -5.48 -5.69
C GLN A 68 -5.82 -4.54 -4.43
N HIS A 69 -4.90 -4.83 -3.48
CA HIS A 69 -4.76 -4.01 -2.26
C HIS A 69 -3.44 -3.39 -2.15
N ILE A 70 -2.64 -3.55 -3.19
CA ILE A 70 -1.32 -2.86 -3.31
C ILE A 70 -1.35 -1.69 -4.34
N CYS A 71 -0.84 -0.51 -3.96
CA CYS A 71 -0.94 0.64 -4.88
C CYS A 71 -0.14 0.33 -6.17
N GLN A 72 -0.73 0.43 -7.35
CA GLN A 72 0.04 0.21 -8.60
C GLN A 72 0.99 1.37 -9.01
N LEU A 73 2.22 0.97 -9.31
CA LEU A 73 3.29 1.79 -9.90
C LEU A 73 3.05 1.91 -11.42
N TYR A 74 3.03 3.11 -11.97
CA TYR A 74 2.92 3.22 -13.43
C TYR A 74 4.18 3.67 -14.30
N HIS A 75 5.08 4.46 -13.73
CA HIS A 75 6.08 5.20 -14.50
C HIS A 75 7.10 5.63 -13.46
N VAL A 76 8.37 5.34 -13.71
CA VAL A 76 9.49 5.95 -13.06
C VAL A 76 10.25 6.79 -14.16
N LEU A 77 10.71 8.00 -13.79
CA LEU A 77 11.56 8.93 -14.60
C LEU A 77 12.63 9.46 -13.62
N GLU A 78 13.92 9.29 -13.95
CA GLU A 78 14.98 9.90 -13.17
C GLU A 78 15.44 11.18 -13.88
N THR A 79 15.69 12.28 -13.18
CA THR A 79 16.25 13.43 -13.86
C THR A 79 17.71 13.57 -13.46
N ALA A 80 18.41 14.53 -14.08
CA ALA A 80 19.57 15.16 -13.54
C ALA A 80 19.52 15.30 -11.97
N ASN A 81 18.34 15.57 -11.35
CA ASN A 81 18.22 15.70 -9.88
C ASN A 81 17.04 15.10 -9.17
N LYS A 82 16.00 14.80 -9.93
CA LYS A 82 14.86 14.17 -9.32
C LYS A 82 14.71 12.67 -9.66
N ILE A 83 14.05 11.91 -8.77
CA ILE A 83 13.31 10.70 -9.19
C ILE A 83 11.80 10.93 -9.01
N PHE A 84 11.00 10.56 -10.00
CA PHE A 84 9.57 10.85 -9.97
C PHE A 84 8.89 9.51 -10.08
N MET A 85 7.93 9.20 -9.19
CA MET A 85 7.24 7.88 -9.28
C MET A 85 5.77 8.03 -9.52
N VAL A 86 5.23 7.42 -10.57
CA VAL A 86 3.81 7.72 -10.95
C VAL A 86 2.98 6.60 -10.41
N LEU A 87 2.04 6.94 -9.52
CA LEU A 87 1.26 5.84 -8.87
C LEU A 87 -0.22 6.02 -9.07
N GLU A 88 -0.92 4.94 -8.71
CA GLU A 88 -2.38 4.89 -8.77
C GLU A 88 -2.87 5.92 -7.76
N TYR A 89 -3.74 6.80 -8.23
CA TYR A 89 -4.24 7.83 -7.32
C TYR A 89 -5.35 7.24 -6.46
N CYS A 90 -5.28 7.53 -5.15
CA CYS A 90 -6.21 6.96 -4.15
C CYS A 90 -6.91 8.18 -3.59
N PRO A 91 -8.15 8.50 -4.05
CA PRO A 91 -8.80 9.79 -3.64
C PRO A 91 -9.44 9.68 -2.25
N GLY A 92 -9.67 8.45 -1.80
CA GLY A 92 -10.24 8.19 -0.47
C GLY A 92 -9.50 8.80 0.75
N GLY A 93 -8.19 9.14 0.67
CA GLY A 93 -7.45 9.71 1.89
C GLY A 93 -6.85 8.59 2.67
N GLU A 94 -5.88 8.87 3.52
CA GLU A 94 -5.38 7.83 4.47
C GLU A 94 -6.42 7.19 5.38
N LEU A 95 -6.22 5.92 5.68
CA LEU A 95 -7.06 5.25 6.67
C LEU A 95 -6.98 5.97 8.06
N PHE A 96 -5.77 6.42 8.48
CA PHE A 96 -5.56 7.20 9.71
C PHE A 96 -6.58 8.29 9.78
N ASP A 97 -6.82 9.01 8.69
CA ASP A 97 -7.71 10.19 8.69
C ASP A 97 -9.15 9.69 8.83
N TYR A 98 -9.40 8.50 8.40
CA TYR A 98 -10.79 7.98 8.44
C TYR A 98 -11.24 7.55 9.93
N ILE A 99 -10.35 6.90 10.68
CA ILE A 99 -10.47 6.76 12.09
C ILE A 99 -10.71 8.11 12.84
N ILE A 100 -9.80 9.06 12.71
CA ILE A 100 -9.97 10.40 13.33
C ILE A 100 -11.43 11.01 13.29
N SER A 101 -12.13 10.77 12.19
CA SER A 101 -13.37 11.43 11.99
C SER A 101 -14.43 10.61 12.59
N GLN A 102 -14.41 9.29 12.33
CA GLN A 102 -15.31 8.29 12.98
C GLN A 102 -15.00 8.03 14.48
N ASP A 103 -13.88 8.51 14.99
CA ASP A 103 -13.43 8.23 16.38
CA ASP A 103 -13.41 8.24 16.36
C ASP A 103 -12.81 6.84 16.43
N ARG A 104 -13.55 5.85 15.96
CA ARG A 104 -13.02 4.48 15.95
C ARG A 104 -14.07 3.70 15.16
N LEU A 105 -13.77 2.46 14.76
CA LEU A 105 -14.70 1.71 13.90
C LEU A 105 -15.41 0.55 14.62
N SER A 106 -16.64 0.25 14.21
CA SER A 106 -17.33 -0.85 14.84
C SER A 106 -16.48 -2.03 14.51
N GLU A 107 -16.73 -3.19 15.09
CA GLU A 107 -15.92 -4.38 14.79
C GLU A 107 -16.27 -4.89 13.42
N GLU A 108 -17.47 -4.51 12.94
CA GLU A 108 -17.93 -5.06 11.71
C GLU A 108 -17.20 -4.44 10.54
N GLU A 109 -17.18 -3.11 10.58
CA GLU A 109 -16.39 -2.30 9.70
C GLU A 109 -14.90 -2.53 9.83
N THR A 110 -14.41 -2.66 11.07
CA THR A 110 -13.00 -2.98 11.29
C THR A 110 -12.70 -4.30 10.54
N ARG A 111 -13.54 -5.35 10.69
CA ARG A 111 -13.33 -6.64 9.95
C ARG A 111 -13.13 -6.35 8.42
N VAL A 112 -13.95 -5.44 7.88
CA VAL A 112 -14.12 -5.31 6.49
C VAL A 112 -12.79 -4.77 5.97
N VAL A 113 -12.40 -3.69 6.60
CA VAL A 113 -11.11 -3.06 6.41
C VAL A 113 -9.84 -3.91 6.65
N PHE A 114 -9.80 -4.56 7.81
CA PHE A 114 -8.68 -5.35 8.30
C PHE A 114 -8.41 -6.60 7.43
N ARG A 115 -9.46 -7.28 7.03
CA ARG A 115 -9.35 -8.32 6.01
C ARG A 115 -8.68 -7.92 4.71
N GLN A 116 -8.84 -6.68 4.31
CA GLN A 116 -8.10 -6.14 3.16
C GLN A 116 -6.65 -5.91 3.54
N ILE A 117 -6.36 -5.42 4.76
CA ILE A 117 -4.93 -5.30 5.15
C ILE A 117 -4.32 -6.69 5.14
N VAL A 118 -5.10 -7.69 5.58
CA VAL A 118 -4.50 -9.04 5.75
C VAL A 118 -4.20 -9.63 4.36
N SER A 119 -5.14 -9.36 3.44
CA SER A 119 -5.00 -9.78 2.06
C SER A 119 -3.66 -9.31 1.41
N ALA A 120 -3.47 -7.97 1.38
CA ALA A 120 -2.22 -7.27 0.98
C ALA A 120 -1.00 -7.78 1.67
N VAL A 121 -1.01 -7.86 3.02
CA VAL A 121 0.27 -8.21 3.71
C VAL A 121 0.65 -9.64 3.48
N ALA A 122 -0.38 -10.45 3.46
CA ALA A 122 -0.19 -11.84 3.28
C ALA A 122 0.35 -12.01 1.85
N TYR A 123 -0.20 -11.29 0.89
CA TYR A 123 0.35 -11.47 -0.47
C TYR A 123 1.79 -10.98 -0.59
N VAL A 124 2.04 -9.78 -0.04
CA VAL A 124 3.44 -9.35 0.19
C VAL A 124 4.33 -10.42 0.75
N HIS A 125 3.94 -11.07 1.83
CA HIS A 125 4.86 -12.13 2.35
C HIS A 125 4.99 -13.29 1.35
N SER A 126 3.92 -13.58 0.59
CA SER A 126 3.91 -14.75 -0.30
C SER A 126 5.00 -14.57 -1.33
N GLN A 127 5.31 -13.28 -1.65
CA GLN A 127 6.38 -12.91 -2.64
C GLN A 127 7.74 -12.85 -2.01
N GLY A 128 7.84 -13.24 -0.76
CA GLY A 128 9.14 -13.15 -0.12
C GLY A 128 9.55 -11.83 0.50
N TYR A 129 8.66 -10.85 0.64
CA TYR A 129 9.08 -9.62 1.29
C TYR A 129 8.37 -9.39 2.67
N ALA A 130 8.88 -8.49 3.48
CA ALA A 130 8.19 -7.93 4.61
C ALA A 130 7.99 -6.35 4.50
N HIS A 131 6.74 -5.86 4.46
CA HIS A 131 6.57 -4.38 4.44
C HIS A 131 7.40 -3.59 5.49
N ARG A 132 7.19 -3.80 6.79
CA ARG A 132 8.05 -3.21 7.85
C ARG A 132 7.74 -1.82 8.28
N ASP A 133 6.63 -1.30 7.74
CA ASP A 133 6.20 -0.09 8.19
C ASP A 133 4.69 0.07 8.02
N LEU A 134 3.97 -0.90 8.56
CA LEU A 134 2.55 -0.93 8.39
C LEU A 134 2.05 -0.09 9.53
N LYS A 135 1.01 0.69 9.21
CA LYS A 135 0.42 1.74 10.02
C LYS A 135 -0.68 2.35 9.13
N PRO A 136 -1.69 3.00 9.71
CA PRO A 136 -2.84 3.56 8.98
C PRO A 136 -2.57 4.62 7.91
N GLU A 137 -1.54 5.44 8.11
CA GLU A 137 -1.16 6.55 7.25
C GLU A 137 -0.70 5.96 5.88
N ASN A 138 -0.46 4.67 5.86
CA ASN A 138 0.15 3.89 4.75
C ASN A 138 -0.82 2.98 4.09
N LEU A 139 -2.10 3.15 4.44
CA LEU A 139 -3.20 2.50 3.76
C LEU A 139 -4.13 3.58 3.24
N LEU A 140 -4.41 3.55 1.94
CA LEU A 140 -5.25 4.63 1.37
C LEU A 140 -6.48 4.06 0.81
N PHE A 141 -7.53 4.82 0.87
CA PHE A 141 -8.80 4.39 0.21
C PHE A 141 -8.85 4.72 -1.27
N ASP A 142 -9.10 3.77 -2.17
CA ASP A 142 -9.19 4.13 -3.61
C ASP A 142 -10.57 4.71 -3.93
N GLU A 143 -10.92 4.91 -5.21
CA GLU A 143 -12.26 5.41 -5.63
C GLU A 143 -13.44 4.46 -5.26
N TYR A 144 -13.16 3.16 -5.24
CA TYR A 144 -14.13 2.13 -4.79
C TYR A 144 -14.29 2.03 -3.24
N HIS A 145 -13.57 2.87 -2.51
CA HIS A 145 -13.43 2.80 -1.09
C HIS A 145 -12.72 1.51 -0.69
N LYS A 146 -11.86 0.95 -1.51
CA LYS A 146 -11.07 -0.17 -1.04
C LYS A 146 -9.63 0.27 -0.66
N LEU A 147 -8.92 -0.50 0.15
CA LEU A 147 -7.68 -0.02 0.72
C LEU A 147 -6.61 -0.32 -0.25
N LYS A 148 -5.65 0.58 -0.35
CA LYS A 148 -4.46 0.25 -1.12
C LYS A 148 -3.25 0.50 -0.20
N LEU A 149 -2.32 -0.42 -0.13
CA LEU A 149 -1.12 -0.23 0.68
C LEU A 149 -0.07 0.59 -0.03
N ILE A 150 0.49 1.62 0.62
CA ILE A 150 1.31 2.56 -0.19
C ILE A 150 2.79 2.76 -0.02
N ASP A 151 3.37 2.30 1.07
CA ASP A 151 4.72 2.96 1.22
C ASP A 151 5.88 1.96 1.36
N PHE A 152 6.57 1.64 0.28
CA PHE A 152 7.51 0.48 0.34
C PHE A 152 8.98 0.79 0.38
N GLY A 153 9.39 2.00 0.78
CA GLY A 153 10.82 2.28 1.00
C GLY A 153 11.61 1.24 1.85
N LEU A 154 10.91 0.53 2.78
CA LEU A 154 11.48 -0.46 3.77
C LEU A 154 11.10 -1.95 3.51
N CYS A 155 10.62 -2.25 2.29
CA CYS A 155 10.35 -3.64 1.89
C CYS A 155 11.61 -4.55 1.85
N ALA A 156 11.57 -5.74 2.47
CA ALA A 156 12.78 -6.58 2.61
C ALA A 156 12.62 -7.91 1.89
N LYS A 157 13.57 -8.22 1.01
CA LYS A 157 13.75 -9.56 0.41
C LYS A 157 14.78 -10.35 1.20
N SER A 172 6.97 3.60 12.04
CA SER A 172 6.89 4.48 13.22
C SER A 172 7.02 3.65 14.53
N LEU A 173 7.97 4.03 15.39
CA LEU A 173 8.25 3.27 16.64
C LEU A 173 7.03 2.66 17.43
N ALA A 174 5.92 3.40 17.57
CA ALA A 174 4.67 2.91 18.09
C ALA A 174 4.14 1.66 17.42
N TYR A 175 4.47 1.43 16.13
CA TYR A 175 4.12 0.16 15.40
C TYR A 175 5.22 -0.89 15.34
N ALA A 176 6.34 -0.63 16.00
CA ALA A 176 7.44 -1.52 15.73
C ALA A 176 7.45 -2.66 16.73
N ALA A 177 7.56 -3.89 16.22
CA ALA A 177 7.59 -5.12 17.02
C ALA A 177 8.76 -5.12 18.02
N PRO A 178 8.62 -5.75 19.23
CA PRO A 178 9.73 -5.64 20.23
C PRO A 178 11.01 -6.25 19.75
N GLU A 179 10.92 -7.38 19.07
CA GLU A 179 12.14 -8.03 18.50
C GLU A 179 12.80 -7.19 17.40
N LEU A 180 12.03 -6.37 16.68
CA LEU A 180 12.58 -5.42 15.66
C LEU A 180 13.30 -4.23 16.35
N ILE A 181 12.71 -3.71 17.42
CA ILE A 181 13.38 -2.79 18.32
C ILE A 181 14.72 -3.37 18.84
N GLN A 182 14.71 -4.62 19.25
CA GLN A 182 15.91 -5.25 19.71
C GLN A 182 16.93 -5.68 18.63
N GLY A 183 16.67 -5.50 17.33
CA GLY A 183 17.45 -6.24 16.29
C GLY A 183 17.66 -7.79 16.38
N LYS A 184 16.72 -8.55 16.99
CA LYS A 184 16.90 -9.97 17.39
C LYS A 184 17.12 -10.99 16.28
N GLY A 188 11.08 -10.84 10.46
CA GLY A 188 10.62 -9.64 9.71
C GLY A 188 9.12 -9.75 9.36
N SER A 189 8.75 -10.93 8.94
CA SER A 189 7.38 -11.25 8.79
C SER A 189 6.45 -11.23 10.11
N GLU A 190 6.84 -11.84 11.24
CA GLU A 190 6.17 -11.82 12.53
C GLU A 190 5.99 -10.46 13.04
N ALA A 191 7.00 -9.61 12.80
CA ALA A 191 6.93 -8.22 13.13
C ALA A 191 5.83 -7.43 12.33
N ASP A 192 5.34 -8.02 11.22
CA ASP A 192 4.27 -7.39 10.38
C ASP A 192 2.91 -7.73 11.02
N VAL A 193 2.88 -8.92 11.58
CA VAL A 193 1.74 -9.40 12.39
C VAL A 193 1.61 -8.46 13.63
N TRP A 194 2.72 -8.26 14.38
CA TRP A 194 2.74 -7.29 15.46
C TRP A 194 2.16 -6.00 15.01
N SER A 195 2.83 -5.38 14.05
CA SER A 195 2.25 -4.16 13.45
C SER A 195 0.76 -4.15 13.09
N MET A 196 0.30 -5.25 12.45
CA MET A 196 -1.07 -5.40 12.02
C MET A 196 -1.90 -5.51 13.28
N GLY A 197 -1.25 -6.03 14.30
CA GLY A 197 -1.90 -6.05 15.62
C GLY A 197 -2.04 -4.68 16.24
N ILE A 198 -0.97 -3.89 16.19
CA ILE A 198 -1.11 -2.47 16.66
C ILE A 198 -2.22 -1.69 15.89
N LEU A 199 -2.25 -1.89 14.58
CA LEU A 199 -3.27 -1.40 13.70
C LEU A 199 -4.68 -1.86 13.98
N LEU A 200 -4.90 -3.12 14.21
CA LEU A 200 -6.26 -3.58 14.57
C LEU A 200 -6.69 -2.86 15.85
N TYR A 201 -5.78 -2.79 16.81
CA TYR A 201 -6.07 -2.05 18.04
C TYR A 201 -6.53 -0.60 17.71
N VAL A 202 -5.81 0.05 16.81
CA VAL A 202 -6.09 1.42 16.49
C VAL A 202 -7.50 1.53 15.82
N LEU A 203 -7.86 0.54 14.98
CA LEU A 203 -9.14 0.57 14.30
C LEU A 203 -10.35 0.50 15.27
N MET A 204 -10.18 -0.33 16.29
CA MET A 204 -11.18 -0.69 17.23
C MET A 204 -11.31 0.28 18.41
N CYS A 205 -10.21 0.89 18.85
CA CYS A 205 -10.23 1.66 20.12
C CYS A 205 -10.02 3.14 19.80
N GLY A 206 -9.34 3.39 18.66
CA GLY A 206 -9.09 4.73 18.13
C GLY A 206 -7.96 5.42 18.91
N PHE A 207 -6.98 4.66 19.49
CA PHE A 207 -5.77 5.30 20.04
C PHE A 207 -4.68 4.22 20.14
N LEU A 208 -3.44 4.59 20.39
CA LEU A 208 -2.39 3.58 20.33
C LEU A 208 -2.34 2.68 21.61
N PRO A 209 -2.13 1.35 21.46
CA PRO A 209 -1.95 0.44 22.65
C PRO A 209 -0.76 0.88 23.54
N PHE A 210 0.30 1.38 22.94
CA PHE A 210 1.46 1.88 23.66
C PHE A 210 1.83 3.23 23.12
N ASP A 211 1.97 4.24 24.01
CA ASP A 211 2.40 5.61 23.62
C ASP A 211 3.13 6.39 24.72
N ASP A 212 3.97 7.33 24.34
CA ASP A 212 4.54 8.08 25.44
C ASP A 212 5.27 9.28 24.93
N ASP A 213 5.22 10.42 25.61
CA ASP A 213 6.01 11.58 25.14
C ASP A 213 7.49 11.14 24.93
N ASN A 214 8.01 10.34 25.86
CA ASN A 214 9.42 9.92 25.95
C ASN A 214 9.71 8.68 25.09
N VAL A 215 10.63 8.77 24.12
CA VAL A 215 11.04 7.56 23.37
C VAL A 215 11.33 6.28 24.19
N MET A 216 12.11 6.35 25.27
CA MET A 216 12.52 5.08 25.94
C MET A 216 11.42 4.54 26.83
N ALA A 217 10.55 5.44 27.34
CA ALA A 217 9.39 5.04 28.14
C ALA A 217 8.46 4.25 27.24
N LEU A 218 8.38 4.64 25.95
CA LEU A 218 7.46 3.96 25.03
C LEU A 218 8.00 2.60 24.68
N TYR A 219 9.32 2.49 24.58
CA TYR A 219 10.00 1.20 24.52
C TYR A 219 9.62 0.32 25.64
N LYS A 220 9.75 0.81 26.88
CA LYS A 220 9.47 -0.02 28.05
C LYS A 220 8.08 -0.61 27.83
N LYS A 221 7.13 0.26 27.49
CA LYS A 221 5.71 -0.19 27.26
C LYS A 221 5.58 -1.31 26.24
N ILE A 222 6.22 -1.10 25.08
CA ILE A 222 6.22 -2.11 24.07
C ILE A 222 6.80 -3.46 24.56
N MET A 223 7.93 -3.44 25.23
CA MET A 223 8.57 -4.65 25.87
C MET A 223 7.67 -5.34 26.94
N ARG A 224 7.01 -4.55 27.81
CA ARG A 224 6.04 -5.11 28.76
C ARG A 224 4.87 -5.70 28.03
N GLY A 225 4.56 -5.20 26.84
CA GLY A 225 3.24 -5.57 26.17
C GLY A 225 1.89 -5.51 26.95
N LYS A 226 1.71 -4.56 27.89
CA LYS A 226 0.47 -4.56 28.67
C LYS A 226 -0.17 -3.29 28.18
N TYR A 227 -1.45 -3.35 27.82
CA TYR A 227 -2.17 -2.13 27.29
C TYR A 227 -3.63 -2.12 27.77
N ASP A 228 -4.33 -0.99 27.60
CA ASP A 228 -5.69 -0.90 28.08
C ASP A 228 -6.63 -1.78 27.22
N VAL A 229 -7.54 -2.49 27.88
CA VAL A 229 -8.59 -3.17 27.16
C VAL A 229 -9.97 -2.48 27.38
N PRO A 230 -10.39 -1.60 26.41
CA PRO A 230 -11.60 -0.80 26.50
C PRO A 230 -12.80 -1.64 26.61
N LYS A 231 -13.81 -1.12 27.27
CA LYS A 231 -15.03 -1.92 27.48
C LYS A 231 -15.87 -2.25 26.25
N TRP A 232 -15.63 -1.66 25.07
CA TRP A 232 -16.50 -2.02 23.87
C TRP A 232 -15.95 -3.24 23.09
N LEU A 233 -14.78 -3.79 23.46
CA LEU A 233 -14.27 -4.96 22.67
C LEU A 233 -14.93 -6.29 22.94
N SER A 234 -15.31 -7.03 21.90
CA SER A 234 -15.87 -8.31 22.10
C SER A 234 -14.76 -9.26 22.57
N PRO A 235 -15.14 -10.34 23.33
CA PRO A 235 -14.06 -11.26 23.76
C PRO A 235 -13.22 -11.83 22.59
N SER A 236 -13.85 -12.09 21.46
CA SER A 236 -13.16 -12.51 20.20
C SER A 236 -12.06 -11.50 19.74
N SER A 237 -12.38 -10.23 19.87
CA SER A 237 -11.51 -9.12 19.56
C SER A 237 -10.32 -9.19 20.45
N ILE A 238 -10.61 -9.45 21.72
CA ILE A 238 -9.67 -9.09 22.75
C ILE A 238 -8.67 -10.24 22.69
N LEU A 239 -9.15 -11.45 22.36
CA LEU A 239 -8.29 -12.64 22.25
C LEU A 239 -7.34 -12.46 21.04
N LEU A 240 -7.97 -12.14 19.90
CA LEU A 240 -7.24 -11.74 18.71
C LEU A 240 -6.07 -10.81 19.07
N LEU A 241 -6.35 -9.73 19.79
CA LEU A 241 -5.31 -8.72 20.03
C LEU A 241 -4.21 -9.40 20.81
N GLN A 242 -4.61 -10.25 21.74
CA GLN A 242 -3.70 -10.84 22.64
C GLN A 242 -2.84 -11.86 21.94
N GLN A 243 -3.33 -12.41 20.84
CA GLN A 243 -2.47 -13.38 20.12
C GLN A 243 -1.52 -12.75 19.16
N MET A 244 -1.94 -11.60 18.62
CA MET A 244 -1.06 -10.79 17.74
C MET A 244 -0.03 -9.96 18.47
N LEU A 245 -0.42 -9.50 19.64
CA LEU A 245 0.43 -8.63 20.42
C LEU A 245 1.28 -9.42 21.52
N GLN A 246 1.60 -10.71 21.26
CA GLN A 246 2.60 -11.46 21.96
C GLN A 246 3.98 -10.90 21.78
N VAL A 247 4.59 -10.34 22.87
CA VAL A 247 5.94 -9.78 22.83
C VAL A 247 6.93 -10.79 22.31
N ASP A 248 6.73 -12.02 22.72
CA ASP A 248 7.59 -13.07 22.28
C ASP A 248 7.10 -13.54 20.89
N PRO A 249 7.89 -13.25 19.83
CA PRO A 249 7.56 -13.61 18.39
C PRO A 249 7.12 -15.07 18.24
N LYS A 250 7.77 -15.94 19.00
CA LYS A 250 7.59 -17.37 18.93
C LYS A 250 6.23 -17.69 19.48
N LYS A 251 5.71 -16.92 20.44
CA LYS A 251 4.30 -17.14 20.83
C LYS A 251 3.23 -16.34 20.02
N ARG A 252 3.60 -15.69 18.91
CA ARG A 252 2.71 -14.72 18.22
C ARG A 252 1.86 -15.43 17.18
N ILE A 253 0.61 -15.05 17.04
CA ILE A 253 -0.14 -15.73 15.98
C ILE A 253 0.66 -15.62 14.62
N SER A 254 0.74 -16.71 13.86
CA SER A 254 1.51 -16.73 12.65
C SER A 254 0.56 -16.21 11.59
N MET A 255 1.10 -15.86 10.41
CA MET A 255 0.30 -15.27 9.34
C MET A 255 -0.79 -16.29 8.83
N LYS A 256 -0.42 -17.55 8.92
CA LYS A 256 -1.19 -18.62 8.41
C LYS A 256 -2.55 -18.68 9.14
N ASN A 257 -2.58 -18.78 10.49
CA ASN A 257 -3.87 -18.76 11.25
C ASN A 257 -4.53 -17.42 11.47
N LEU A 258 -3.89 -16.34 11.06
CA LEU A 258 -4.58 -15.11 11.00
C LEU A 258 -5.60 -15.15 9.83
N LEU A 259 -5.23 -15.86 8.76
CA LEU A 259 -6.10 -15.87 7.56
C LEU A 259 -7.46 -16.41 7.87
N ASN A 260 -7.52 -17.49 8.67
CA ASN A 260 -8.79 -18.11 9.10
C ASN A 260 -9.18 -18.10 10.61
N HIS A 261 -8.68 -17.17 11.38
CA HIS A 261 -9.07 -17.02 12.74
C HIS A 261 -10.58 -16.86 12.82
N PRO A 262 -11.25 -17.42 13.91
CA PRO A 262 -12.72 -17.25 14.10
C PRO A 262 -13.12 -15.83 13.99
N TRP A 263 -12.43 -14.95 14.71
CA TRP A 263 -12.84 -13.54 14.63
C TRP A 263 -12.81 -12.99 13.17
N ILE A 264 -11.79 -13.43 12.38
CA ILE A 264 -11.53 -12.89 11.06
C ILE A 264 -12.76 -13.31 10.28
N MET A 265 -13.18 -14.58 10.48
CA MET A 265 -14.24 -15.16 9.62
C MET A 265 -15.68 -14.79 9.95
N GLN A 266 -15.92 -14.32 11.14
CA GLN A 266 -17.26 -13.80 11.51
C GLN A 266 -17.98 -13.07 10.31
N ASP A 267 -19.23 -13.44 10.04
CA ASP A 267 -20.04 -12.76 9.00
C ASP A 267 -19.57 -13.10 7.57
N TYR A 268 -18.45 -13.83 7.39
CA TYR A 268 -17.91 -14.15 6.02
C TYR A 268 -17.81 -15.66 5.78
N ASN A 269 -17.20 -16.32 6.74
CA ASN A 269 -17.18 -17.77 6.75
C ASN A 269 -16.28 -18.38 5.67
N TYR A 270 -15.47 -17.55 5.00
CA TYR A 270 -14.28 -18.12 4.28
C TYR A 270 -13.04 -17.36 4.81
N PRO A 271 -11.86 -17.99 4.70
CA PRO A 271 -10.61 -17.27 4.97
C PRO A 271 -10.35 -16.04 4.06
N VAL A 272 -9.35 -15.22 4.44
CA VAL A 272 -9.03 -13.99 3.72
C VAL A 272 -8.50 -14.32 2.32
N GLU A 273 -9.05 -13.66 1.29
CA GLU A 273 -8.56 -14.02 -0.06
C GLU A 273 -7.32 -13.19 -0.42
N TRP A 274 -6.13 -13.78 -0.28
CA TRP A 274 -4.89 -13.02 -0.31
C TRP A 274 -4.13 -13.08 -1.62
N GLN A 275 -4.30 -14.18 -2.35
CA GLN A 275 -3.87 -14.27 -3.74
C GLN A 275 -4.41 -13.07 -4.54
N SER A 276 -3.54 -12.60 -5.45
CA SER A 276 -3.79 -11.60 -6.52
C SER A 276 -4.99 -11.92 -7.37
N LYS A 277 -6.00 -11.09 -7.45
CA LYS A 277 -7.12 -11.39 -8.39
C LYS A 277 -6.71 -10.92 -9.85
N ASN A 278 -5.59 -10.22 -9.96
CA ASN A 278 -5.19 -9.66 -11.25
C ASN A 278 -3.68 -9.75 -11.47
N PRO A 279 -3.14 -11.00 -11.49
CA PRO A 279 -1.71 -11.16 -11.76
C PRO A 279 -1.45 -10.95 -13.27
N PHE A 280 -0.18 -10.86 -13.66
CA PHE A 280 0.12 -10.65 -15.10
C PHE A 280 0.15 -12.00 -15.87
N ILE A 281 -0.90 -12.29 -16.65
CA ILE A 281 -0.92 -13.49 -17.53
C ILE A 281 -0.55 -13.11 -18.98
N HIS A 282 -1.50 -12.60 -19.77
CA HIS A 282 -1.17 -12.24 -21.16
C HIS A 282 -1.24 -10.71 -21.30
N LEU A 283 -0.54 -10.12 -22.27
CA LEU A 283 -0.78 -8.69 -22.60
C LEU A 283 -2.23 -8.49 -22.99
N ASP A 284 -2.80 -7.30 -22.73
CA ASP A 284 -4.23 -7.14 -23.00
C ASP A 284 -4.48 -7.05 -24.47
N ASP A 285 -5.42 -7.88 -24.90
CA ASP A 285 -5.78 -7.90 -26.29
C ASP A 285 -6.18 -6.56 -26.81
N ASP A 286 -7.14 -5.95 -26.14
CA ASP A 286 -7.79 -4.74 -26.58
C ASP A 286 -6.91 -3.51 -26.49
N CYS A 287 -5.94 -3.58 -25.60
CA CYS A 287 -5.15 -2.40 -25.16
C CYS A 287 -3.97 -2.12 -26.07
N VAL A 288 -3.32 -3.23 -26.46
CA VAL A 288 -2.26 -3.19 -27.43
C VAL A 288 -2.81 -2.47 -28.65
N THR A 289 -4.03 -2.84 -29.04
CA THR A 289 -4.75 -2.25 -30.18
C THR A 289 -4.98 -0.75 -30.04
N GLU A 290 -5.59 -0.23 -28.98
CA GLU A 290 -5.81 1.25 -28.98
C GLU A 290 -4.50 2.06 -29.12
N LEU A 291 -3.35 1.44 -28.81
CA LEU A 291 -2.06 2.20 -28.76
C LEU A 291 -1.43 2.18 -30.19
N SER A 292 -1.30 1.00 -30.77
CA SER A 292 -0.86 0.86 -32.13
C SER A 292 -1.83 1.55 -33.12
N VAL A 293 -3.10 1.76 -32.75
CA VAL A 293 -4.03 2.63 -33.49
C VAL A 293 -3.78 4.14 -33.32
N HIS A 294 -3.62 4.60 -32.08
CA HIS A 294 -3.34 6.03 -31.74
C HIS A 294 -2.05 6.60 -32.28
N HIS A 295 -0.95 5.81 -32.12
CA HIS A 295 0.44 6.08 -32.54
C HIS A 295 0.74 5.79 -33.99
N ARG A 296 -0.19 5.12 -34.66
CA ARG A 296 -0.03 4.59 -36.04
C ARG A 296 1.22 3.81 -36.17
N ASN A 297 1.29 2.70 -35.46
CA ASN A 297 2.51 1.88 -35.39
C ASN A 297 2.12 0.42 -35.65
N ASN A 298 2.91 -0.29 -36.46
CA ASN A 298 2.76 -1.72 -36.59
C ASN A 298 2.39 -2.38 -35.21
N ARG A 299 1.26 -3.07 -35.16
CA ARG A 299 0.84 -3.77 -33.95
C ARG A 299 1.89 -4.57 -33.27
N GLN A 300 2.83 -5.08 -34.01
CA GLN A 300 3.59 -6.19 -33.49
C GLN A 300 4.76 -5.58 -32.78
N THR A 301 5.15 -4.37 -33.23
CA THR A 301 6.32 -3.60 -32.69
C THR A 301 5.86 -2.92 -31.42
N MET A 302 4.64 -2.37 -31.52
CA MET A 302 3.87 -1.91 -30.35
C MET A 302 3.77 -2.98 -29.27
N GLU A 303 3.24 -4.15 -29.62
CA GLU A 303 3.30 -5.34 -28.77
C GLU A 303 4.73 -5.63 -28.23
N ASP A 304 5.74 -5.59 -29.10
CA ASP A 304 7.04 -6.12 -28.68
C ASP A 304 7.58 -5.20 -27.70
N LEU A 305 7.40 -3.87 -27.90
CA LEU A 305 8.00 -2.78 -27.05
C LEU A 305 7.35 -2.56 -25.67
N ILE A 306 6.03 -2.88 -25.58
CA ILE A 306 5.35 -2.92 -24.27
C ILE A 306 6.02 -3.95 -23.34
N SER A 307 6.36 -5.11 -23.92
CA SER A 307 7.02 -6.24 -23.23
C SER A 307 8.45 -5.90 -22.81
N LEU A 308 8.81 -4.61 -22.82
CA LEU A 308 10.11 -4.28 -22.29
C LEU A 308 9.93 -3.91 -20.85
N TRP A 309 8.71 -3.50 -20.47
CA TRP A 309 8.37 -3.27 -19.05
C TRP A 309 9.33 -2.32 -18.37
N GLN A 310 9.59 -1.23 -19.10
CA GLN A 310 10.63 -0.24 -18.74
C GLN A 310 10.19 0.75 -17.64
N TYR A 311 8.86 0.87 -17.52
CA TYR A 311 8.24 1.79 -16.66
C TYR A 311 8.50 3.16 -17.17
N ASP A 312 8.46 3.28 -18.48
CA ASP A 312 8.53 4.56 -19.21
C ASP A 312 7.09 4.98 -19.59
N HIS A 313 6.93 6.06 -20.33
CA HIS A 313 5.65 6.53 -20.70
C HIS A 313 4.90 5.57 -21.51
N LEU A 314 5.59 4.63 -22.10
CA LEU A 314 4.81 3.60 -22.85
C LEU A 314 4.07 2.62 -21.88
N THR A 315 4.82 2.01 -20.94
CA THR A 315 4.29 1.16 -19.86
C THR A 315 3.07 1.88 -19.19
N ALA A 316 3.26 3.17 -18.85
CA ALA A 316 2.33 4.01 -18.12
C ALA A 316 1.00 4.03 -18.79
N THR A 317 1.00 4.50 -20.04
CA THR A 317 -0.15 4.54 -20.93
C THR A 317 -0.84 3.25 -21.08
N TYR A 318 -0.04 2.17 -21.22
CA TYR A 318 -0.60 0.81 -21.28
C TYR A 318 -1.39 0.47 -20.00
N LEU A 319 -0.71 0.52 -18.84
CA LEU A 319 -1.26 0.23 -17.52
C LEU A 319 -2.47 1.09 -17.14
N LEU A 320 -2.41 2.37 -17.48
CA LEU A 320 -3.48 3.27 -17.21
C LEU A 320 -4.67 2.98 -18.09
N LEU A 321 -4.45 2.24 -19.17
CA LEU A 321 -5.56 1.83 -20.04
C LEU A 321 -6.17 0.55 -19.48
N LEU A 322 -5.37 -0.36 -18.88
CA LEU A 322 -5.95 -1.43 -18.04
C LEU A 322 -6.85 -0.90 -16.87
N ALA A 323 -6.43 0.14 -16.14
CA ALA A 323 -7.23 0.80 -15.12
C ALA A 323 -8.55 1.29 -15.67
N LYS A 324 -8.56 1.72 -16.94
CA LYS A 324 -9.81 2.02 -17.65
C LYS A 324 -10.65 0.71 -17.76
N LYS A 325 -9.99 -0.39 -18.05
CA LYS A 325 -10.76 -1.63 -18.27
C LYS A 325 -11.37 -2.14 -16.93
N ALA A 326 -10.52 -2.35 -15.91
CA ALA A 326 -10.90 -2.65 -14.54
C ALA A 326 -12.01 -1.73 -13.96
N ARG A 327 -12.08 -0.47 -14.32
CA ARG A 327 -13.17 0.40 -13.87
C ARG A 327 -14.39 0.34 -14.78
N GLY A 328 -14.31 -0.52 -15.82
CA GLY A 328 -15.32 -0.58 -16.89
C GLY A 328 -15.45 0.74 -17.62
N LYS A 329 -14.31 1.29 -17.99
CA LYS A 329 -14.37 2.42 -18.93
C LYS A 329 -13.90 1.99 -20.37
N PRO A 330 -14.43 2.71 -21.39
CA PRO A 330 -13.96 2.44 -22.73
C PRO A 330 -12.41 2.48 -22.74
N VAL A 331 -11.75 1.63 -23.53
CA VAL A 331 -10.29 1.79 -23.77
C VAL A 331 -9.98 2.78 -24.96
N ARG A 332 -9.87 4.12 -24.69
CA ARG A 332 -9.86 5.26 -25.67
C ARG A 332 -8.77 6.30 -25.32
N LEU A 333 -8.22 7.05 -26.31
CA LEU A 333 -7.06 7.96 -26.06
C LEU A 333 -7.13 9.46 -26.49
N ARG A 334 -7.25 10.35 -25.48
CA ARG A 334 -7.45 11.79 -25.70
C ARG A 334 -6.71 12.57 -24.65
PG ANP B . 7.03 8.40 4.62
O1G ANP B . 8.21 9.24 5.38
O2G ANP B . 5.78 9.26 4.61
O3G ANP B . 6.93 6.90 5.22
PB ANP B . 7.41 8.99 1.78
O1B ANP B . 7.99 10.28 2.28
O2B ANP B . 8.27 8.11 0.65
N3B ANP B . 7.49 7.83 3.05
PA ANP B . 4.55 8.38 1.30
O1A ANP B . 4.17 7.89 2.70
O2A ANP B . 4.83 7.20 0.33
O3A ANP B . 5.81 9.43 1.45
O5' ANP B . 3.49 9.53 0.77
C5' ANP B . 3.36 10.76 1.47
C4' ANP B . 1.86 11.05 1.71
O4' ANP B . 1.25 11.57 0.53
C3' ANP B . 0.99 9.88 1.95
O3' ANP B . 0.88 9.49 3.33
C2' ANP B . -0.37 10.26 1.29
O2' ANP B . -1.22 11.03 2.10
C1' ANP B . 0.05 10.99 0.03
N9 ANP B . 0.10 9.90 -1.05
C8 ANP B . 1.15 8.99 -1.30
N7 ANP B . 0.84 8.05 -2.29
C5 ANP B . -0.46 8.36 -2.69
C6 ANP B . -1.44 7.83 -3.67
N6 ANP B . -1.07 6.68 -4.38
N1 ANP B . -2.72 8.42 -3.87
C2 ANP B . -3.09 9.48 -3.09
N3 ANP B . -2.18 10.00 -2.17
C4 ANP B . -0.92 9.52 -1.89
#